data_1S1C
#
_entry.id   1S1C
#
_cell.length_a   34.404
_cell.length_b   89.537
_cell.length_c   98.105
_cell.angle_alpha   90.00
_cell.angle_beta   91.86
_cell.angle_gamma   90.00
#
_symmetry.space_group_name_H-M   'P 1 21 1'
#
loop_
_entity.id
_entity.type
_entity.pdbx_description
1 polymer 'Transforming protein RhoA'
2 polymer 'Rho-associated, coiled-coil containing protein kinase 1'
3 non-polymer 'MAGNESIUM ION'
4 non-polymer 'PHOSPHOAMINOPHOSPHONIC ACID-GUANYLATE ESTER'
5 water water
#
loop_
_entity_poly.entity_id
_entity_poly.type
_entity_poly.pdbx_seq_one_letter_code
_entity_poly.pdbx_strand_id
1 'polypeptide(L)'
;GSMAAIRKKLVIVGDGACGKTCLLIVFSKDQFPEVYVPTVFENYVADIEVDGKQVELALWDTAGQEDYDRLRPLSYPDTD
VILMCFSIDSPDSLENIPEKWTPEVKHFCPNVPIILVGNKKDLRNDEHTRRELAKMKQEPVKPEEGRDMANRIGAFGYME
CSAKTKDGVREVFEMATRAALQA
;
A,B
2 'polypeptide(L)' GSMLTKDIEILRRENEELTEKMKKAEEEYKLEKEEEISNLKAAFEKNINTERTLKTQAVNKLAEIMNRKDF X,Y
#
# COMPACT_ATOMS: atom_id res chain seq x y z
N ALA A 5 -1.87 33.65 28.13
CA ALA A 5 -1.13 32.36 27.94
C ALA A 5 -0.42 32.31 26.58
N ILE A 6 0.79 31.77 26.58
CA ILE A 6 1.63 31.69 25.37
C ILE A 6 1.50 30.37 24.61
N ARG A 7 1.58 30.46 23.29
CA ARG A 7 1.51 29.27 22.44
C ARG A 7 2.90 28.90 21.96
N LYS A 8 3.23 27.63 22.04
CA LYS A 8 4.52 27.12 21.58
C LYS A 8 4.31 25.86 20.77
N LYS A 9 5.13 25.68 19.74
CA LYS A 9 5.01 24.52 18.88
C LYS A 9 6.09 23.48 19.16
N LEU A 10 5.64 22.25 19.38
CA LEU A 10 6.54 21.14 19.65
C LEU A 10 6.33 20.11 18.56
N VAL A 11 7.44 19.57 18.04
CA VAL A 11 7.37 18.54 17.01
C VAL A 11 8.16 17.37 17.51
N ILE A 12 7.66 16.17 17.29
CA ILE A 12 8.36 14.98 17.75
C ILE A 12 8.72 14.07 16.56
N VAL A 13 9.95 13.56 16.56
CA VAL A 13 10.45 12.68 15.49
C VAL A 13 11.27 11.53 16.10
N GLY A 14 11.57 10.52 15.28
CA GLY A 14 12.34 9.38 15.75
C GLY A 14 11.91 8.12 15.03
N ASP A 15 12.69 7.05 15.13
CA ASP A 15 12.34 5.78 14.47
C ASP A 15 10.89 5.35 14.67
N GLY A 16 10.40 4.58 13.71
CA GLY A 16 9.04 4.09 13.79
C GLY A 16 8.91 3.09 14.93
N ALA A 17 7.78 3.15 15.63
CA ALA A 17 7.50 2.24 16.74
C ALA A 17 8.33 2.51 18.00
N CYS A 18 9.00 3.65 18.07
CA CYS A 18 9.81 3.92 19.26
C CYS A 18 9.02 4.61 20.38
N GLY A 19 7.73 4.87 20.17
CA GLY A 19 6.90 5.45 21.22
C GLY A 19 6.41 6.87 21.14
N LYS A 20 6.68 7.56 20.04
CA LYS A 20 6.27 8.95 19.88
C LYS A 20 4.79 9.24 20.15
N THR A 21 3.90 8.51 19.48
CA THR A 21 2.46 8.71 19.63
C THR A 21 1.94 8.42 21.04
N CYS A 22 2.32 7.28 21.61
CA CYS A 22 1.89 6.95 22.96
C CYS A 22 2.32 8.05 23.93
N LEU A 23 3.53 8.55 23.73
CA LEU A 23 4.03 9.62 24.58
C LEU A 23 3.16 10.86 24.46
N LEU A 24 2.80 11.24 23.24
CA LEU A 24 1.95 12.43 23.06
C LEU A 24 0.51 12.21 23.53
N ILE A 25 -0.04 11.02 23.26
CA ILE A 25 -1.41 10.76 23.69
C ILE A 25 -1.53 10.70 25.20
N VAL A 26 -0.56 10.06 25.87
CA VAL A 26 -0.65 9.98 27.32
C VAL A 26 -0.63 11.38 27.93
N PHE A 27 0.28 12.23 27.43
CA PHE A 27 0.41 13.57 27.94
C PHE A 27 -0.74 14.53 27.59
N SER A 28 -1.36 14.35 26.43
CA SER A 28 -2.42 15.26 26.01
C SER A 28 -3.84 14.75 26.16
N LYS A 29 -4.00 13.44 26.15
CA LYS A 29 -5.32 12.83 26.25
C LYS A 29 -5.51 11.97 27.52
N ASP A 30 -4.47 11.89 28.35
CA ASP A 30 -4.53 11.13 29.59
C ASP A 30 -4.76 9.63 29.39
N GLN A 31 -4.43 9.12 28.21
CA GLN A 31 -4.63 7.70 27.90
C GLN A 31 -3.46 7.06 27.17
N PHE A 32 -3.43 5.74 27.20
CA PHE A 32 -2.38 5.00 26.51
C PHE A 32 -2.97 4.25 25.30
N PRO A 33 -2.58 4.63 24.09
CA PRO A 33 -3.10 3.96 22.89
C PRO A 33 -2.86 2.46 22.98
N GLU A 34 -3.95 1.71 22.86
CA GLU A 34 -3.87 0.25 22.96
C GLU A 34 -3.23 -0.41 21.75
N VAL A 35 -3.73 -0.09 20.55
CA VAL A 35 -3.18 -0.70 19.36
C VAL A 35 -2.22 0.19 18.60
N TYR A 36 -1.23 -0.44 17.96
CA TYR A 36 -0.25 0.29 17.20
C TYR A 36 -0.66 0.48 15.75
N VAL A 37 -0.61 1.72 15.30
CA VAL A 37 -0.94 2.07 13.94
C VAL A 37 0.07 3.10 13.49
N PRO A 38 0.83 2.82 12.41
CA PRO A 38 1.82 3.78 11.92
C PRO A 38 1.17 5.16 11.76
N THR A 39 1.86 6.19 12.19
CA THR A 39 1.33 7.54 12.07
C THR A 39 1.66 8.18 10.72
N VAL A 40 0.72 8.93 10.18
CA VAL A 40 0.95 9.66 8.95
C VAL A 40 1.46 10.95 9.56
N PHE A 41 0.54 11.65 10.20
CA PHE A 41 0.81 12.86 10.95
C PHE A 41 -0.51 13.26 11.62
N GLU A 42 -0.40 13.81 12.82
CA GLU A 42 -1.55 14.22 13.60
C GLU A 42 -1.16 15.41 14.44
N ASN A 43 -2.14 16.15 14.93
CA ASN A 43 -1.83 17.30 15.76
C ASN A 43 -2.70 17.35 17.01
N TYR A 44 -2.05 17.54 18.16
CA TYR A 44 -2.74 17.60 19.44
C TYR A 44 -2.40 18.90 20.15
N VAL A 45 -3.08 19.16 21.26
CA VAL A 45 -2.85 20.36 22.06
C VAL A 45 -2.88 19.94 23.52
N ALA A 46 -2.15 20.68 24.35
CA ALA A 46 -2.10 20.36 25.77
C ALA A 46 -1.66 21.59 26.54
N ASP A 47 -2.14 21.71 27.76
CA ASP A 47 -1.78 22.83 28.63
C ASP A 47 -0.72 22.37 29.63
N ILE A 48 0.17 23.28 29.99
CA ILE A 48 1.23 22.97 30.95
C ILE A 48 1.74 24.25 31.61
N GLU A 49 2.25 24.13 32.82
CA GLU A 49 2.82 25.30 33.47
C GLU A 49 4.21 24.99 33.98
N VAL A 50 5.11 25.92 33.78
CA VAL A 50 6.49 25.76 34.22
C VAL A 50 6.99 27.12 34.63
N ASP A 51 7.73 27.18 35.73
CA ASP A 51 8.26 28.45 36.21
C ASP A 51 7.18 29.54 36.23
N GLY A 52 5.94 29.15 36.57
CA GLY A 52 4.85 30.11 36.63
C GLY A 52 4.46 30.79 35.32
N LYS A 53 4.32 29.99 34.27
CA LYS A 53 3.95 30.51 32.96
C LYS A 53 2.97 29.55 32.29
N GLN A 54 1.83 30.08 31.86
CA GLN A 54 0.83 29.26 31.21
C GLN A 54 1.24 29.15 29.73
N VAL A 55 1.48 27.94 29.26
CA VAL A 55 1.86 27.71 27.88
C VAL A 55 0.96 26.70 27.21
N GLU A 56 0.45 27.05 26.02
CA GLU A 56 -0.38 26.13 25.24
C GLU A 56 0.59 25.42 24.31
N LEU A 57 0.76 24.13 24.54
CA LEU A 57 1.70 23.34 23.75
C LEU A 57 1.07 22.66 22.55
N ALA A 58 1.49 23.07 21.36
CA ALA A 58 0.98 22.46 20.14
C ALA A 58 1.87 21.25 19.89
N LEU A 59 1.26 20.07 19.84
CA LEU A 59 2.00 18.81 19.64
C LEU A 59 1.87 18.18 18.25
N TRP A 60 2.92 18.32 17.45
CA TRP A 60 2.92 17.75 16.10
C TRP A 60 3.54 16.36 16.02
N ASP A 61 2.69 15.36 15.79
CA ASP A 61 3.09 13.96 15.67
C ASP A 61 3.54 13.76 14.21
N THR A 62 4.59 12.97 13.99
CA THR A 62 5.07 12.72 12.64
C THR A 62 5.35 11.23 12.45
N ALA A 63 5.55 10.85 11.20
CA ALA A 63 5.81 9.45 10.90
C ALA A 63 7.26 9.09 11.09
N GLY A 64 7.50 7.91 11.65
CA GLY A 64 8.85 7.43 11.83
C GLY A 64 9.13 6.52 10.65
N GLN A 65 8.06 6.08 10.00
CA GLN A 65 8.17 5.22 8.84
C GLN A 65 8.90 5.90 7.70
N GLU A 66 9.88 5.19 7.16
CA GLU A 66 10.69 5.64 6.03
C GLU A 66 9.76 6.05 4.87
N ASP A 67 8.79 5.17 4.59
CA ASP A 67 7.83 5.37 3.50
C ASP A 67 7.10 6.70 3.54
N TYR A 68 7.08 7.34 4.70
CA TYR A 68 6.40 8.62 4.81
C TYR A 68 7.36 9.80 4.89
N ASP A 69 8.65 9.53 4.70
CA ASP A 69 9.67 10.58 4.75
C ASP A 69 9.22 11.89 4.08
N ARG A 70 8.54 11.77 2.94
CA ARG A 70 8.12 12.97 2.22
C ARG A 70 7.16 13.94 2.90
N LEU A 71 6.34 13.46 3.84
CA LEU A 71 5.41 14.33 4.55
C LEU A 71 5.98 15.08 5.74
N ARG A 72 7.03 14.52 6.35
CA ARG A 72 7.62 15.14 7.55
C ARG A 72 7.94 16.63 7.46
N PRO A 73 8.63 17.07 6.40
CA PRO A 73 8.94 18.51 6.29
C PRO A 73 7.74 19.44 6.38
N LEU A 74 6.54 18.91 6.21
CA LEU A 74 5.32 19.70 6.29
C LEU A 74 5.02 20.16 7.73
N SER A 75 5.61 19.45 8.70
CA SER A 75 5.39 19.74 10.10
C SER A 75 6.46 20.65 10.73
N TYR A 76 7.64 20.66 10.14
CA TYR A 76 8.77 21.42 10.68
C TYR A 76 8.74 22.95 10.73
N PRO A 77 8.02 23.60 9.82
CA PRO A 77 8.00 25.06 9.89
C PRO A 77 7.58 25.67 11.22
N ASP A 78 8.27 26.74 11.60
CA ASP A 78 7.98 27.50 12.83
C ASP A 78 7.97 26.68 14.12
N THR A 79 8.90 25.75 14.23
CA THR A 79 8.99 24.89 15.41
C THR A 79 9.75 25.58 16.55
N ASP A 80 9.21 25.50 17.77
CA ASP A 80 9.85 26.11 18.93
C ASP A 80 10.74 25.11 19.67
N VAL A 81 10.35 23.83 19.65
CA VAL A 81 11.14 22.80 20.29
C VAL A 81 10.91 21.43 19.66
N ILE A 82 11.97 20.65 19.61
CA ILE A 82 11.90 19.32 19.05
C ILE A 82 12.21 18.20 20.04
N LEU A 83 11.37 17.17 20.02
CA LEU A 83 11.58 16.00 20.87
C LEU A 83 12.08 14.92 19.91
N MET A 84 13.36 14.59 20.01
CA MET A 84 13.96 13.56 19.17
C MET A 84 14.01 12.29 20.01
N CYS A 85 13.25 11.29 19.60
CA CYS A 85 13.15 10.05 20.35
C CYS A 85 13.80 8.80 19.75
N PHE A 86 13.99 7.84 20.65
CA PHE A 86 14.52 6.53 20.32
C PHE A 86 13.97 5.65 21.45
N SER A 87 14.03 4.35 21.29
CA SER A 87 13.53 3.46 22.31
C SER A 87 14.66 2.84 23.11
N ILE A 88 14.52 2.86 24.42
CA ILE A 88 15.54 2.27 25.27
C ILE A 88 15.71 0.76 25.00
N ASP A 89 14.69 0.12 24.43
CA ASP A 89 14.78 -1.30 24.15
C ASP A 89 15.24 -1.59 22.72
N SER A 90 15.80 -0.56 22.06
CA SER A 90 16.27 -0.68 20.69
C SER A 90 17.52 0.13 20.39
N PRO A 91 18.71 -0.48 20.51
CA PRO A 91 19.97 0.22 20.24
C PRO A 91 20.01 0.75 18.82
N ASP A 92 19.29 0.09 17.92
CA ASP A 92 19.24 0.50 16.52
C ASP A 92 18.58 1.87 16.36
N SER A 93 17.49 2.10 17.09
CA SER A 93 16.81 3.39 16.97
C SER A 93 17.70 4.48 17.55
N LEU A 94 18.64 4.10 18.41
CA LEU A 94 19.55 5.07 19.01
C LEU A 94 20.56 5.50 17.93
N GLU A 95 21.12 4.53 17.22
CA GLU A 95 22.10 4.80 16.17
C GLU A 95 21.51 5.67 15.08
N ASN A 96 20.19 5.56 14.89
CA ASN A 96 19.50 6.35 13.89
C ASN A 96 19.36 7.81 14.31
N ILE A 97 19.75 8.12 15.55
CA ILE A 97 19.67 9.49 16.04
C ILE A 97 20.67 10.38 15.31
N PRO A 98 21.95 9.98 15.27
CA PRO A 98 22.96 10.79 14.58
C PRO A 98 23.04 10.50 13.09
N GLU A 99 22.58 9.31 12.70
CA GLU A 99 22.62 8.89 11.31
C GLU A 99 21.51 9.45 10.43
N LYS A 100 20.35 9.74 11.02
CA LYS A 100 19.23 10.25 10.25
C LYS A 100 18.49 11.44 10.85
N TRP A 101 17.90 11.25 12.02
CA TRP A 101 17.12 12.31 12.63
C TRP A 101 17.85 13.62 12.92
N THR A 102 19.09 13.56 13.39
CA THR A 102 19.82 14.79 13.69
C THR A 102 20.10 15.63 12.43
N PRO A 103 20.67 15.02 11.39
CA PRO A 103 20.95 15.79 10.18
C PRO A 103 19.67 16.41 9.59
N GLU A 104 18.57 15.65 9.59
CA GLU A 104 17.29 16.13 9.05
C GLU A 104 16.72 17.29 9.85
N VAL A 105 16.70 17.15 11.17
CA VAL A 105 16.16 18.19 12.03
C VAL A 105 16.99 19.48 11.95
N LYS A 106 18.31 19.36 11.96
CA LYS A 106 19.16 20.54 11.89
C LYS A 106 19.11 21.21 10.52
N HIS A 107 18.53 20.53 9.55
CA HIS A 107 18.40 21.12 8.23
C HIS A 107 17.08 21.88 8.13
N PHE A 108 16.02 21.32 8.72
CA PHE A 108 14.70 21.92 8.69
C PHE A 108 14.39 22.83 9.88
N CYS A 109 15.08 22.63 11.00
CA CYS A 109 14.86 23.42 12.20
C CYS A 109 16.17 23.98 12.79
N PRO A 110 16.87 24.83 12.02
CA PRO A 110 18.13 25.43 12.45
C PRO A 110 17.98 26.15 13.78
N ASN A 111 18.89 25.88 14.70
CA ASN A 111 18.84 26.56 15.99
C ASN A 111 17.59 26.31 16.83
N VAL A 112 16.88 25.20 16.57
CA VAL A 112 15.71 24.90 17.39
C VAL A 112 16.15 23.91 18.48
N PRO A 113 15.85 24.23 19.74
CA PRO A 113 16.20 23.39 20.89
C PRO A 113 15.78 21.94 20.68
N ILE A 114 16.71 21.01 20.89
CA ILE A 114 16.42 19.58 20.74
C ILE A 114 16.48 18.87 22.07
N ILE A 115 15.40 18.21 22.45
CA ILE A 115 15.36 17.43 23.69
C ILE A 115 15.49 15.96 23.28
N LEU A 116 16.59 15.30 23.61
CA LEU A 116 16.76 13.89 23.26
C LEU A 116 15.98 13.04 24.25
N VAL A 117 15.04 12.24 23.76
CA VAL A 117 14.23 11.42 24.66
C VAL A 117 14.38 9.92 24.43
N GLY A 118 14.48 9.18 25.52
CA GLY A 118 14.59 7.73 25.42
C GLY A 118 13.32 7.13 25.98
N ASN A 119 12.45 6.65 25.08
CA ASN A 119 11.18 6.05 25.49
C ASN A 119 11.31 4.62 26.00
N LYS A 120 10.19 4.07 26.47
CA LYS A 120 10.09 2.70 26.98
C LYS A 120 11.13 2.35 28.04
N LYS A 121 11.29 3.26 29.00
CA LYS A 121 12.24 3.07 30.07
C LYS A 121 11.90 1.81 30.88
N ASP A 122 10.63 1.45 30.89
CA ASP A 122 10.16 0.29 31.63
C ASP A 122 10.65 -1.04 31.08
N LEU A 123 11.29 -1.02 29.91
CA LEU A 123 11.78 -2.25 29.31
C LEU A 123 13.27 -2.48 29.61
N ARG A 124 13.92 -1.45 30.16
CA ARG A 124 15.34 -1.56 30.47
C ARG A 124 15.68 -2.81 31.26
N ASN A 125 14.85 -3.15 32.24
CA ASN A 125 15.12 -4.33 33.06
C ASN A 125 14.12 -5.45 32.83
N ASP A 126 13.60 -5.53 31.60
CA ASP A 126 12.65 -6.57 31.26
C ASP A 126 13.41 -7.76 30.67
N GLU A 127 13.21 -8.93 31.26
CA GLU A 127 13.88 -10.16 30.83
C GLU A 127 13.63 -10.55 29.38
N HIS A 128 12.37 -10.47 28.97
CA HIS A 128 12.05 -10.83 27.60
C HIS A 128 12.82 -9.94 26.64
N THR A 129 12.90 -8.65 26.97
CA THR A 129 13.62 -7.70 26.14
C THR A 129 15.12 -8.01 26.15
N ARG A 130 15.66 -8.27 27.34
CA ARG A 130 17.08 -8.60 27.49
C ARG A 130 17.41 -9.88 26.76
N ARG A 131 16.50 -10.85 26.83
CA ARG A 131 16.72 -12.13 26.17
C ARG A 131 16.69 -11.99 24.66
N GLU A 132 15.71 -11.25 24.16
CA GLU A 132 15.58 -11.06 22.71
C GLU A 132 16.73 -10.20 22.17
N LEU A 133 17.15 -9.19 22.93
CA LEU A 133 18.25 -8.37 22.47
C LEU A 133 19.54 -9.18 22.50
N ALA A 134 19.58 -10.19 23.36
CA ALA A 134 20.77 -11.03 23.47
C ALA A 134 21.02 -11.80 22.18
N LYS A 135 19.94 -12.19 21.51
CA LYS A 135 20.06 -12.93 20.25
C LYS A 135 20.85 -12.15 19.20
N MET A 136 20.64 -10.85 19.14
CA MET A 136 21.37 -10.01 18.20
C MET A 136 22.60 -9.49 18.91
N LYS A 137 22.96 -10.13 20.01
CA LYS A 137 24.10 -9.75 20.83
C LYS A 137 24.08 -8.26 21.20
N GLN A 138 22.91 -7.79 21.61
CA GLN A 138 22.73 -6.41 22.03
C GLN A 138 22.13 -6.40 23.44
N GLU A 139 21.92 -5.20 23.97
CA GLU A 139 21.34 -5.04 25.29
C GLU A 139 20.65 -3.69 25.34
N PRO A 140 19.65 -3.54 26.22
CA PRO A 140 18.99 -2.24 26.26
C PRO A 140 19.97 -1.10 26.46
N VAL A 141 19.62 0.06 25.91
CA VAL A 141 20.46 1.24 26.01
C VAL A 141 20.64 1.67 27.46
N LYS A 142 21.85 2.09 27.80
CA LYS A 142 22.17 2.56 29.14
C LYS A 142 22.06 4.09 29.19
N PRO A 143 21.67 4.66 30.35
CA PRO A 143 21.54 6.10 30.49
C PRO A 143 22.76 6.90 30.02
N GLU A 144 23.95 6.37 30.26
CA GLU A 144 25.22 7.01 29.85
C GLU A 144 25.28 7.22 28.34
N GLU A 145 24.86 6.19 27.62
CA GLU A 145 24.80 6.19 26.15
C GLU A 145 23.87 7.28 25.64
N GLY A 146 22.74 7.45 26.32
CA GLY A 146 21.80 8.47 25.93
C GLY A 146 22.39 9.85 26.16
N ARG A 147 23.04 10.03 27.31
CA ARG A 147 23.64 11.33 27.62
C ARG A 147 24.73 11.68 26.62
N ASP A 148 25.60 10.73 26.32
CA ASP A 148 26.67 10.96 25.38
C ASP A 148 26.08 11.43 24.07
N MET A 149 25.06 10.72 23.59
CA MET A 149 24.43 11.06 22.33
C MET A 149 23.89 12.48 22.39
N ALA A 150 23.25 12.83 23.50
CA ALA A 150 22.69 14.17 23.65
C ALA A 150 23.80 15.21 23.43
N ASN A 151 24.91 15.05 24.14
CA ASN A 151 26.05 15.97 24.03
C ASN A 151 26.62 15.96 22.62
N ARG A 152 26.80 14.75 22.08
CA ARG A 152 27.35 14.60 20.75
C ARG A 152 26.58 15.38 19.67
N ILE A 153 25.25 15.33 19.72
CA ILE A 153 24.43 16.04 18.74
C ILE A 153 24.05 17.45 19.20
N GLY A 154 24.61 17.86 20.34
CA GLY A 154 24.35 19.19 20.86
C GLY A 154 22.90 19.47 21.24
N ALA A 155 22.30 18.56 22.01
CA ALA A 155 20.92 18.71 22.44
C ALA A 155 20.82 19.66 23.64
N PHE A 156 19.61 20.17 23.86
CA PHE A 156 19.37 21.05 24.98
C PHE A 156 19.43 20.22 26.27
N GLY A 157 19.08 18.95 26.15
CA GLY A 157 19.10 18.07 27.30
C GLY A 157 18.65 16.67 26.98
N TYR A 158 18.77 15.79 27.96
CA TYR A 158 18.38 14.39 27.79
C TYR A 158 17.32 14.07 28.82
N MET A 159 16.39 13.19 28.48
CA MET A 159 15.32 12.80 29.39
C MET A 159 14.81 11.41 29.02
N GLU A 160 14.68 10.54 30.01
CA GLU A 160 14.17 9.20 29.78
C GLU A 160 12.76 9.13 30.33
N CYS A 161 11.93 8.26 29.74
CA CYS A 161 10.57 8.12 30.20
C CYS A 161 9.91 6.83 29.72
N SER A 162 8.69 6.61 30.22
CA SER A 162 7.89 5.45 29.84
C SER A 162 6.44 5.91 29.82
N ALA A 163 5.85 5.94 28.64
CA ALA A 163 4.46 6.35 28.53
C ALA A 163 3.57 5.32 29.22
N LYS A 164 4.11 4.11 29.37
CA LYS A 164 3.38 3.02 30.01
C LYS A 164 3.22 3.29 31.50
N THR A 165 4.32 3.49 32.22
CA THR A 165 4.23 3.74 33.67
C THR A 165 4.02 5.21 34.03
N LYS A 166 4.17 6.10 33.05
CA LYS A 166 4.04 7.55 33.24
C LYS A 166 5.32 8.20 33.80
N ASP A 167 6.27 7.36 34.20
CA ASP A 167 7.52 7.83 34.77
C ASP A 167 8.32 8.71 33.82
N GLY A 168 8.61 9.93 34.24
CA GLY A 168 9.38 10.84 33.40
C GLY A 168 8.58 11.63 32.38
N VAL A 169 7.36 11.19 32.07
CA VAL A 169 6.57 11.89 31.08
C VAL A 169 6.53 13.39 31.35
N ARG A 170 6.16 13.77 32.58
CA ARG A 170 6.10 15.18 32.95
C ARG A 170 7.41 15.91 32.71
N GLU A 171 8.51 15.35 33.19
CA GLU A 171 9.82 15.99 33.02
C GLU A 171 10.15 16.27 31.56
N VAL A 172 9.80 15.33 30.69
CA VAL A 172 10.07 15.50 29.26
C VAL A 172 9.46 16.81 28.77
N PHE A 173 8.20 17.03 29.09
CA PHE A 173 7.52 18.23 28.64
C PHE A 173 7.83 19.51 29.40
N GLU A 174 8.29 19.38 30.65
CA GLU A 174 8.63 20.59 31.38
C GLU A 174 9.99 21.06 30.84
N MET A 175 10.82 20.12 30.44
CA MET A 175 12.12 20.47 29.89
C MET A 175 11.97 21.06 28.50
N ALA A 176 11.08 20.47 27.70
CA ALA A 176 10.85 20.94 26.33
C ALA A 176 10.29 22.35 26.36
N THR A 177 9.33 22.59 27.25
CA THR A 177 8.70 23.92 27.37
C THR A 177 9.72 24.98 27.78
N ARG A 178 10.54 24.67 28.78
CA ARG A 178 11.56 25.59 29.22
C ARG A 178 12.42 25.93 28.01
N ALA A 179 12.78 24.89 27.25
CA ALA A 179 13.61 25.07 26.06
C ALA A 179 12.93 26.03 25.06
N ALA A 180 11.63 25.83 24.86
CA ALA A 180 10.87 26.65 23.94
C ALA A 180 10.64 28.04 24.50
N LEU A 181 11.04 28.24 25.75
CA LEU A 181 10.85 29.51 26.43
C LEU A 181 12.12 30.35 26.55
N GLN A 182 13.26 29.83 26.08
CA GLN A 182 14.54 30.53 26.17
C GLN A 182 14.48 31.99 25.70
N ALA A 183 14.63 32.18 24.40
CA ALA A 183 14.59 33.51 23.79
C ALA A 183 15.05 33.41 22.34
N ALA B 5 -20.44 33.21 -19.90
CA ALA B 5 -19.74 31.89 -19.97
C ALA B 5 -20.23 30.95 -18.86
N ILE B 6 -20.92 29.88 -19.26
CA ILE B 6 -21.45 28.90 -18.33
C ILE B 6 -20.34 27.97 -17.86
N ARG B 7 -20.24 27.79 -16.54
CA ARG B 7 -19.23 26.92 -15.95
C ARG B 7 -19.94 25.61 -15.61
N LYS B 8 -19.44 24.49 -16.13
CA LYS B 8 -20.07 23.20 -15.87
C LYS B 8 -19.07 22.19 -15.33
N LYS B 9 -19.53 21.34 -14.42
CA LYS B 9 -18.68 20.34 -13.82
C LYS B 9 -18.92 18.94 -14.37
N LEU B 10 -17.84 18.33 -14.83
CA LEU B 10 -17.89 16.98 -15.39
C LEU B 10 -17.01 16.09 -14.53
N VAL B 11 -17.52 14.90 -14.21
CA VAL B 11 -16.77 13.94 -13.41
C VAL B 11 -16.72 12.66 -14.20
N ILE B 12 -15.57 12.00 -14.19
CA ILE B 12 -15.44 10.75 -14.94
C ILE B 12 -15.09 9.60 -14.00
N VAL B 13 -15.77 8.46 -14.18
CA VAL B 13 -15.55 7.26 -13.36
C VAL B 13 -15.54 6.00 -14.25
N GLY B 14 -15.11 4.88 -13.70
CA GLY B 14 -15.05 3.64 -14.44
C GLY B 14 -13.89 2.79 -13.98
N ASP B 15 -13.86 1.51 -14.35
CA ASP B 15 -12.78 0.62 -13.95
C ASP B 15 -11.38 1.20 -14.13
N GLY B 16 -10.44 0.69 -13.34
CA GLY B 16 -9.08 1.17 -13.43
C GLY B 16 -8.45 0.72 -14.73
N ALA B 17 -7.64 1.59 -15.34
CA ALA B 17 -6.98 1.29 -16.59
C ALA B 17 -7.89 1.25 -17.82
N CYS B 18 -9.12 1.73 -17.69
CA CYS B 18 -10.02 1.71 -18.84
C CYS B 18 -9.90 2.94 -19.75
N GLY B 19 -9.02 3.88 -19.40
CA GLY B 19 -8.79 5.05 -20.25
C GLY B 19 -9.26 6.43 -19.83
N LYS B 20 -9.80 6.56 -18.63
CA LYS B 20 -10.31 7.85 -18.15
C LYS B 20 -9.33 9.03 -18.27
N THR B 21 -8.14 8.87 -17.71
CA THR B 21 -7.13 9.92 -17.72
C THR B 21 -6.64 10.32 -19.12
N CYS B 22 -6.31 9.32 -19.95
CA CYS B 22 -5.86 9.62 -21.31
C CYS B 22 -6.95 10.39 -22.05
N LEU B 23 -8.21 10.01 -21.83
CA LEU B 23 -9.32 10.69 -22.47
C LEU B 23 -9.36 12.14 -22.02
N LEU B 24 -9.21 12.40 -20.72
CA LEU B 24 -9.25 13.78 -20.25
C LEU B 24 -8.02 14.59 -20.66
N ILE B 25 -6.84 13.97 -20.62
CA ILE B 25 -5.63 14.68 -21.00
C ILE B 25 -5.62 15.02 -22.48
N VAL B 26 -6.05 14.09 -23.33
CA VAL B 26 -6.05 14.37 -24.76
C VAL B 26 -6.95 15.55 -25.06
N PHE B 27 -8.14 15.55 -24.47
CA PHE B 27 -9.10 16.62 -24.68
C PHE B 27 -8.75 17.97 -24.05
N SER B 28 -8.06 17.97 -22.93
CA SER B 28 -7.74 19.24 -22.26
C SER B 28 -6.31 19.73 -22.42
N LYS B 29 -5.40 18.81 -22.67
CA LYS B 29 -4.00 19.17 -22.80
C LYS B 29 -3.42 18.90 -24.20
N ASP B 30 -4.26 18.38 -25.10
CA ASP B 30 -3.85 18.08 -26.48
C ASP B 30 -2.72 17.05 -26.58
N GLN B 31 -2.51 16.28 -25.52
CA GLN B 31 -1.46 15.28 -25.56
C GLN B 31 -1.94 13.96 -24.98
N PHE B 32 -1.20 12.89 -25.29
CA PHE B 32 -1.56 11.56 -24.83
C PHE B 32 -0.62 11.05 -23.76
N PRO B 33 -1.14 10.84 -22.54
CA PRO B 33 -0.27 10.34 -21.49
C PRO B 33 0.50 9.14 -22.02
N GLU B 34 1.78 9.12 -21.69
CA GLU B 34 2.70 8.08 -22.11
C GLU B 34 2.54 6.82 -21.27
N VAL B 35 3.10 6.87 -20.06
CA VAL B 35 3.09 5.78 -19.10
C VAL B 35 1.84 5.75 -18.22
N TYR B 36 1.44 4.55 -17.83
CA TYR B 36 0.28 4.39 -16.99
C TYR B 36 0.59 4.45 -15.51
N VAL B 37 -0.14 5.30 -14.81
CA VAL B 37 0.03 5.46 -13.38
C VAL B 37 -1.37 5.58 -12.78
N PRO B 38 -1.74 4.68 -11.87
CA PRO B 38 -3.07 4.75 -11.25
C PRO B 38 -3.32 6.16 -10.74
N THR B 39 -4.53 6.67 -10.97
CA THR B 39 -4.86 8.00 -10.52
C THR B 39 -5.42 8.02 -9.11
N VAL B 40 -5.03 9.03 -8.34
CA VAL B 40 -5.56 9.19 -7.00
C VAL B 40 -6.77 10.06 -7.34
N PHE B 41 -6.47 11.27 -7.74
CA PHE B 41 -7.45 12.24 -8.22
C PHE B 41 -6.67 13.46 -8.68
N GLU B 42 -7.19 14.10 -9.73
CA GLU B 42 -6.58 15.26 -10.34
C GLU B 42 -7.71 16.06 -10.98
N ASN B 43 -7.44 17.31 -11.38
CA ASN B 43 -8.46 18.16 -11.96
C ASN B 43 -7.93 19.00 -13.13
N TYR B 44 -8.69 19.03 -14.21
CA TYR B 44 -8.30 19.78 -15.40
C TYR B 44 -9.43 20.72 -15.80
N VAL B 45 -9.16 21.56 -16.78
CA VAL B 45 -10.14 22.52 -17.29
C VAL B 45 -10.03 22.56 -18.80
N ALA B 46 -11.14 22.86 -19.46
CA ALA B 46 -11.13 22.91 -20.91
C ALA B 46 -12.30 23.74 -21.39
N ASP B 47 -12.12 24.39 -22.54
CA ASP B 47 -13.16 25.22 -23.12
C ASP B 47 -13.83 24.46 -24.25
N ILE B 48 -15.12 24.70 -24.44
CA ILE B 48 -15.88 24.03 -25.49
C ILE B 48 -17.11 24.84 -25.86
N GLU B 49 -17.54 24.69 -27.10
CA GLU B 49 -18.73 25.38 -27.59
C GLU B 49 -19.65 24.43 -28.34
N VAL B 50 -20.91 24.42 -27.91
CA VAL B 50 -21.93 23.58 -28.51
C VAL B 50 -23.23 24.35 -28.48
N ASP B 51 -24.13 24.03 -29.40
CA ASP B 51 -25.42 24.71 -29.49
C ASP B 51 -25.22 26.22 -29.36
N GLY B 52 -24.11 26.73 -29.88
CA GLY B 52 -23.83 28.14 -29.81
C GLY B 52 -23.66 28.65 -28.39
N LYS B 53 -23.09 27.81 -27.52
CA LYS B 53 -22.88 28.19 -26.14
C LYS B 53 -21.43 27.98 -25.69
N GLN B 54 -20.86 29.00 -25.05
CA GLN B 54 -19.50 28.98 -24.54
C GLN B 54 -19.51 28.28 -23.17
N VAL B 55 -18.66 27.27 -22.99
CA VAL B 55 -18.68 26.58 -21.72
C VAL B 55 -17.30 26.21 -21.20
N GLU B 56 -17.03 26.54 -19.94
CA GLU B 56 -15.76 26.19 -19.32
C GLU B 56 -16.02 24.86 -18.63
N LEU B 57 -15.40 23.81 -19.13
CA LEU B 57 -15.60 22.48 -18.60
C LEU B 57 -14.60 22.09 -17.53
N ALA B 58 -15.09 21.90 -16.30
CA ALA B 58 -14.23 21.49 -15.21
C ALA B 58 -14.18 19.96 -15.27
N LEU B 59 -12.98 19.41 -15.42
CA LEU B 59 -12.80 17.96 -15.55
C LEU B 59 -12.21 17.27 -14.32
N TRP B 60 -13.06 16.57 -13.58
CA TRP B 60 -12.62 15.86 -12.39
C TRP B 60 -12.26 14.39 -12.65
N ASP B 61 -10.96 14.09 -12.58
CA ASP B 61 -10.43 12.74 -12.77
C ASP B 61 -10.56 12.02 -11.43
N THR B 62 -10.90 10.73 -11.45
CA THR B 62 -11.02 9.96 -10.21
C THR B 62 -10.32 8.63 -10.35
N ALA B 63 -10.17 7.94 -9.23
CA ALA B 63 -9.50 6.65 -9.25
C ALA B 63 -10.45 5.53 -9.61
N GLY B 64 -9.96 4.60 -10.42
CA GLY B 64 -10.75 3.45 -10.80
C GLY B 64 -10.34 2.34 -9.84
N GLN B 65 -9.19 2.51 -9.23
CA GLN B 65 -8.66 1.54 -8.29
C GLN B 65 -9.57 1.38 -7.09
N GLU B 66 -9.95 0.15 -6.85
CA GLU B 66 -10.80 -0.23 -5.73
C GLU B 66 -10.23 0.29 -4.41
N ASP B 67 -8.93 0.19 -4.26
CA ASP B 67 -8.20 0.64 -3.08
C ASP B 67 -8.39 2.12 -2.76
N TYR B 68 -8.84 2.89 -3.75
CA TYR B 68 -9.05 4.31 -3.52
C TYR B 68 -10.51 4.68 -3.41
N ASP B 69 -11.39 3.67 -3.38
CA ASP B 69 -12.83 3.91 -3.27
C ASP B 69 -13.18 5.04 -2.30
N ARG B 70 -12.46 5.11 -1.20
CA ARG B 70 -12.67 6.11 -0.15
C ARG B 70 -12.64 7.58 -0.62
N LEU B 71 -11.81 7.89 -1.62
CA LEU B 71 -11.68 9.26 -2.08
C LEU B 71 -12.69 9.74 -3.13
N ARG B 72 -13.24 8.82 -3.92
CA ARG B 72 -14.16 9.16 -4.98
C ARG B 72 -15.31 10.11 -4.62
N PRO B 73 -16.04 9.81 -3.53
CA PRO B 73 -17.15 10.70 -3.13
C PRO B 73 -16.77 12.17 -2.95
N LEU B 74 -15.48 12.45 -2.82
CA LEU B 74 -15.00 13.82 -2.65
C LEU B 74 -15.14 14.63 -3.94
N SER B 75 -15.26 13.94 -5.05
CA SER B 75 -15.37 14.59 -6.36
C SER B 75 -16.81 14.77 -6.85
N TYR B 76 -17.71 13.93 -6.36
CA TYR B 76 -19.11 13.94 -6.79
C TYR B 76 -20.00 15.15 -6.51
N PRO B 77 -19.74 15.90 -5.44
CA PRO B 77 -20.63 17.05 -5.20
C PRO B 77 -20.76 18.06 -6.34
N ASP B 78 -21.99 18.54 -6.54
CA ASP B 78 -22.31 19.55 -7.56
C ASP B 78 -21.90 19.19 -8.98
N THR B 79 -22.09 17.93 -9.35
CA THR B 79 -21.74 17.46 -10.68
C THR B 79 -22.84 17.77 -11.70
N ASP B 80 -22.46 18.30 -12.86
CA ASP B 80 -23.43 18.61 -13.92
C ASP B 80 -23.58 17.46 -14.91
N VAL B 81 -22.49 16.71 -15.13
CA VAL B 81 -22.55 15.58 -16.03
C VAL B 81 -21.50 14.53 -15.70
N ILE B 82 -21.87 13.28 -15.88
CA ILE B 82 -20.95 12.17 -15.60
C ILE B 82 -20.61 11.34 -16.82
N LEU B 83 -19.32 11.04 -16.96
CA LEU B 83 -18.85 10.20 -18.05
C LEU B 83 -18.51 8.87 -17.38
N MET B 84 -19.34 7.86 -17.63
CA MET B 84 -19.13 6.54 -17.05
C MET B 84 -18.48 5.70 -18.16
N CYS B 85 -17.23 5.30 -17.93
CA CYS B 85 -16.46 4.56 -18.90
C CYS B 85 -16.18 3.10 -18.63
N PHE B 86 -15.82 2.41 -19.71
CA PHE B 86 -15.42 1.02 -19.71
C PHE B 86 -14.55 0.91 -20.96
N SER B 87 -13.79 -0.16 -21.08
CA SER B 87 -12.93 -0.32 -22.24
C SER B 87 -13.51 -1.32 -23.23
N ILE B 88 -13.53 -0.96 -24.49
CA ILE B 88 -14.04 -1.84 -25.51
C ILE B 88 -13.24 -3.16 -25.58
N ASP B 89 -12.00 -3.16 -25.09
CA ASP B 89 -11.20 -4.37 -25.12
C ASP B 89 -11.28 -5.16 -23.81
N SER B 90 -12.28 -4.85 -22.99
CA SER B 90 -12.49 -5.52 -21.70
C SER B 90 -13.95 -5.70 -21.31
N PRO B 91 -14.52 -6.86 -21.65
CA PRO B 91 -15.93 -7.14 -21.32
C PRO B 91 -16.17 -7.05 -19.82
N ASP B 92 -15.12 -7.30 -19.04
CA ASP B 92 -15.24 -7.24 -17.59
C ASP B 92 -15.53 -5.83 -17.11
N SER B 93 -14.85 -4.84 -17.68
CA SER B 93 -15.09 -3.47 -17.26
C SER B 93 -16.50 -3.05 -17.65
N LEU B 94 -17.08 -3.73 -18.64
CA LEU B 94 -18.43 -3.43 -19.07
C LEU B 94 -19.41 -3.92 -18.01
N GLU B 95 -19.20 -5.15 -17.55
CA GLU B 95 -20.07 -5.75 -16.52
C GLU B 95 -20.04 -4.94 -15.24
N ASN B 96 -18.92 -4.28 -15.00
CA ASN B 96 -18.78 -3.46 -13.80
C ASN B 96 -19.57 -2.16 -13.90
N ILE B 97 -20.16 -1.90 -15.07
CA ILE B 97 -20.97 -0.70 -15.25
C ILE B 97 -22.24 -0.77 -14.41
N PRO B 98 -23.01 -1.87 -14.54
CA PRO B 98 -24.24 -2.00 -13.77
C PRO B 98 -24.02 -2.57 -12.38
N GLU B 99 -22.92 -3.30 -12.22
CA GLU B 99 -22.57 -3.93 -10.96
C GLU B 99 -21.98 -3.00 -9.91
N LYS B 100 -21.27 -1.97 -10.35
CA LYS B 100 -20.63 -1.04 -9.43
C LYS B 100 -20.81 0.43 -9.70
N TRP B 101 -20.33 0.88 -10.84
CA TRP B 101 -20.38 2.30 -11.17
C TRP B 101 -21.76 2.93 -11.22
N THR B 102 -22.75 2.23 -11.78
CA THR B 102 -24.09 2.79 -11.85
C THR B 102 -24.72 3.02 -10.47
N PRO B 103 -24.75 1.98 -9.62
CA PRO B 103 -25.33 2.16 -8.29
C PRO B 103 -24.64 3.29 -7.51
N GLU B 104 -23.32 3.36 -7.59
CA GLU B 104 -22.55 4.38 -6.89
C GLU B 104 -22.86 5.79 -7.37
N VAL B 105 -22.87 5.97 -8.69
CA VAL B 105 -23.13 7.28 -9.28
C VAL B 105 -24.54 7.75 -8.99
N LYS B 106 -25.52 6.86 -9.11
CA LYS B 106 -26.91 7.25 -8.84
C LYS B 106 -27.17 7.52 -7.37
N HIS B 107 -26.23 7.13 -6.51
CA HIS B 107 -26.37 7.39 -5.10
C HIS B 107 -25.78 8.76 -4.76
N PHE B 108 -24.65 9.08 -5.37
CA PHE B 108 -23.96 10.34 -5.14
C PHE B 108 -24.36 11.48 -6.09
N CYS B 109 -24.87 11.13 -7.27
CA CYS B 109 -25.27 12.13 -8.26
C CYS B 109 -26.68 11.88 -8.79
N PRO B 110 -27.69 11.95 -7.91
CA PRO B 110 -29.09 11.73 -8.29
C PRO B 110 -29.51 12.66 -9.42
N ASN B 111 -30.13 12.09 -10.44
CA ASN B 111 -30.60 12.91 -11.55
C ASN B 111 -29.52 13.64 -12.34
N VAL B 112 -28.28 13.18 -12.28
CA VAL B 112 -27.23 13.82 -13.06
C VAL B 112 -27.06 13.02 -14.35
N PRO B 113 -27.11 13.70 -15.51
CA PRO B 113 -26.98 13.08 -16.83
C PRO B 113 -25.76 12.18 -16.88
N ILE B 114 -25.95 10.93 -17.36
CA ILE B 114 -24.84 9.99 -17.48
C ILE B 114 -24.56 9.68 -18.95
N ILE B 115 -23.33 9.92 -19.38
CA ILE B 115 -22.93 9.61 -20.76
C ILE B 115 -22.11 8.30 -20.66
N LEU B 116 -22.62 7.19 -21.20
CA LEU B 116 -21.87 5.93 -21.16
C LEU B 116 -20.82 5.95 -22.25
N VAL B 117 -19.55 5.80 -21.89
CA VAL B 117 -18.49 5.85 -22.88
C VAL B 117 -17.67 4.57 -22.99
N GLY B 118 -17.39 4.17 -24.21
CA GLY B 118 -16.60 2.97 -24.46
C GLY B 118 -15.26 3.39 -25.03
N ASN B 119 -14.22 3.36 -24.20
CA ASN B 119 -12.88 3.74 -24.62
C ASN B 119 -12.16 2.67 -25.44
N LYS B 120 -10.98 3.04 -25.94
CA LYS B 120 -10.12 2.13 -26.72
C LYS B 120 -10.81 1.46 -27.89
N LYS B 121 -11.56 2.25 -28.64
CA LYS B 121 -12.28 1.76 -29.81
C LYS B 121 -11.32 1.17 -30.83
N ASP B 122 -10.08 1.66 -30.83
CA ASP B 122 -9.07 1.20 -31.77
C ASP B 122 -8.61 -0.24 -31.55
N LEU B 123 -9.04 -0.84 -30.44
CA LEU B 123 -8.64 -2.21 -30.16
C LEU B 123 -9.71 -3.21 -30.59
N ARG B 124 -10.88 -2.71 -30.95
CA ARG B 124 -11.98 -3.58 -31.38
C ARG B 124 -11.56 -4.59 -32.43
N ASN B 125 -10.76 -4.15 -33.40
CA ASN B 125 -10.32 -5.04 -34.47
C ASN B 125 -8.83 -5.35 -34.40
N ASP B 126 -8.28 -5.35 -33.20
CA ASP B 126 -6.86 -5.64 -33.02
C ASP B 126 -6.72 -7.14 -32.74
N GLU B 127 -5.89 -7.81 -33.55
CA GLU B 127 -5.65 -9.24 -33.44
C GLU B 127 -5.10 -9.68 -32.10
N HIS B 128 -4.12 -8.96 -31.59
CA HIS B 128 -3.54 -9.32 -30.32
C HIS B 128 -4.62 -9.31 -29.24
N THR B 129 -5.49 -8.29 -29.29
CA THR B 129 -6.57 -8.17 -28.32
C THR B 129 -7.58 -9.29 -28.50
N ARG B 130 -8.02 -9.53 -29.73
CA ARG B 130 -9.00 -10.58 -29.94
C ARG B 130 -8.36 -11.91 -29.54
N ARG B 131 -7.09 -12.09 -29.89
CA ARG B 131 -6.35 -13.30 -29.56
C ARG B 131 -6.36 -13.54 -28.05
N GLU B 132 -5.99 -12.51 -27.29
CA GLU B 132 -5.92 -12.61 -25.85
C GLU B 132 -7.28 -12.83 -25.20
N LEU B 133 -8.29 -12.10 -25.66
CA LEU B 133 -9.63 -12.23 -25.11
C LEU B 133 -10.16 -13.63 -25.39
N ALA B 134 -9.63 -14.26 -26.44
CA ALA B 134 -10.07 -15.59 -26.80
C ALA B 134 -9.71 -16.60 -25.71
N LYS B 135 -8.57 -16.39 -25.05
CA LYS B 135 -8.15 -17.29 -23.98
C LYS B 135 -9.19 -17.37 -22.87
N MET B 136 -9.81 -16.25 -22.54
CA MET B 136 -10.83 -16.24 -21.49
C MET B 136 -12.17 -16.44 -22.17
N LYS B 137 -12.12 -16.92 -23.41
CA LYS B 137 -13.32 -17.16 -24.21
C LYS B 137 -14.23 -15.94 -24.29
N GLN B 138 -13.61 -14.78 -24.50
CA GLN B 138 -14.33 -13.52 -24.63
C GLN B 138 -13.95 -12.86 -25.97
N GLU B 139 -14.55 -11.70 -26.23
CA GLU B 139 -14.28 -10.96 -27.45
C GLU B 139 -14.55 -9.50 -27.17
N PRO B 140 -13.90 -8.60 -27.93
CA PRO B 140 -14.16 -7.19 -27.67
C PRO B 140 -15.65 -6.86 -27.71
N VAL B 141 -16.04 -5.87 -26.93
CA VAL B 141 -17.43 -5.44 -26.84
C VAL B 141 -17.92 -4.93 -28.18
N LYS B 142 -19.17 -5.27 -28.51
CA LYS B 142 -19.79 -4.83 -29.76
C LYS B 142 -20.63 -3.58 -29.50
N PRO B 143 -20.74 -2.69 -30.48
CA PRO B 143 -21.51 -1.45 -30.33
C PRO B 143 -22.93 -1.67 -29.79
N GLU B 144 -23.57 -2.75 -30.22
CA GLU B 144 -24.91 -3.04 -29.76
C GLU B 144 -24.87 -3.29 -28.25
N GLU B 145 -23.79 -3.90 -27.77
CA GLU B 145 -23.65 -4.21 -26.34
C GLU B 145 -23.56 -2.96 -25.48
N GLY B 146 -22.79 -1.99 -25.94
CA GLY B 146 -22.65 -0.75 -25.22
C GLY B 146 -23.96 0.02 -25.21
N ARG B 147 -24.64 0.08 -26.36
CA ARG B 147 -25.91 0.78 -26.44
C ARG B 147 -26.94 0.13 -25.52
N ASP B 148 -26.97 -1.19 -25.54
CA ASP B 148 -27.88 -1.95 -24.68
C ASP B 148 -27.68 -1.49 -23.23
N MET B 149 -26.41 -1.50 -22.80
CA MET B 149 -26.05 -1.10 -21.46
C MET B 149 -26.49 0.34 -21.19
N ALA B 150 -26.27 1.23 -22.15
CA ALA B 150 -26.67 2.61 -21.99
C ALA B 150 -28.16 2.69 -21.64
N ASN B 151 -28.99 2.03 -22.44
CA ASN B 151 -30.44 2.02 -22.22
C ASN B 151 -30.79 1.37 -20.89
N ARG B 152 -30.17 0.23 -20.62
CA ARG B 152 -30.40 -0.50 -19.39
C ARG B 152 -30.18 0.35 -18.13
N ILE B 153 -29.10 1.13 -18.10
CA ILE B 153 -28.81 1.97 -16.93
C ILE B 153 -29.43 3.37 -17.07
N GLY B 154 -30.19 3.58 -18.13
CA GLY B 154 -30.83 4.87 -18.34
C GLY B 154 -29.89 6.04 -18.57
N ALA B 155 -28.92 5.86 -19.46
CA ALA B 155 -27.97 6.91 -19.74
C ALA B 155 -28.54 7.95 -20.71
N PHE B 156 -27.92 9.12 -20.74
CA PHE B 156 -28.35 10.18 -21.63
C PHE B 156 -27.98 9.77 -23.06
N GLY B 157 -26.92 8.99 -23.18
CA GLY B 157 -26.48 8.56 -24.50
C GLY B 157 -25.25 7.69 -24.44
N TYR B 158 -24.89 7.13 -25.59
CA TYR B 158 -23.72 6.26 -25.68
C TYR B 158 -22.77 6.89 -26.67
N MET B 159 -21.48 6.74 -26.40
CA MET B 159 -20.48 7.29 -27.29
C MET B 159 -19.24 6.43 -27.16
N GLU B 160 -18.66 6.07 -28.31
CA GLU B 160 -17.45 5.29 -28.34
C GLU B 160 -16.32 6.21 -28.79
N CYS B 161 -15.10 5.92 -28.36
CA CYS B 161 -13.97 6.75 -28.74
C CYS B 161 -12.63 6.07 -28.51
N SER B 162 -11.58 6.74 -28.95
CA SER B 162 -10.21 6.27 -28.79
C SER B 162 -9.33 7.47 -28.56
N ALA B 163 -8.79 7.61 -27.35
CA ALA B 163 -7.94 8.75 -27.06
C ALA B 163 -6.66 8.65 -27.88
N LYS B 164 -6.36 7.43 -28.33
CA LYS B 164 -5.18 7.17 -29.15
C LYS B 164 -5.33 7.81 -30.54
N THR B 165 -6.38 7.45 -31.28
CA THR B 165 -6.58 8.01 -32.62
C THR B 165 -7.33 9.34 -32.64
N LYS B 166 -7.92 9.71 -31.50
CA LYS B 166 -8.69 10.94 -31.35
C LYS B 166 -10.15 10.77 -31.85
N ASP B 167 -10.43 9.64 -32.50
CA ASP B 167 -11.75 9.36 -33.03
C ASP B 167 -12.84 9.35 -31.96
N GLY B 168 -13.84 10.21 -32.13
CA GLY B 168 -14.93 10.26 -31.17
C GLY B 168 -14.69 11.11 -29.95
N VAL B 169 -13.44 11.46 -29.67
CA VAL B 169 -13.15 12.27 -28.49
C VAL B 169 -14.06 13.49 -28.43
N ARG B 170 -14.08 14.26 -29.50
CA ARG B 170 -14.93 15.46 -29.56
C ARG B 170 -16.39 15.18 -29.26
N GLU B 171 -16.96 14.17 -29.92
CA GLU B 171 -18.37 13.83 -29.72
C GLU B 171 -18.69 13.53 -28.27
N VAL B 172 -17.76 12.84 -27.59
CA VAL B 172 -17.97 12.50 -26.18
C VAL B 172 -18.25 13.76 -25.37
N PHE B 173 -17.41 14.77 -25.54
CA PHE B 173 -17.56 16.01 -24.79
C PHE B 173 -18.63 16.96 -25.29
N GLU B 174 -19.03 16.85 -26.55
CA GLU B 174 -20.10 17.72 -27.03
C GLU B 174 -21.41 17.14 -26.49
N MET B 175 -21.46 15.83 -26.36
CA MET B 175 -22.66 15.20 -25.84
C MET B 175 -22.80 15.45 -24.35
N ALA B 176 -21.67 15.36 -23.64
CA ALA B 176 -21.67 15.55 -22.20
C ALA B 176 -22.08 16.98 -21.88
N THR B 177 -21.54 17.95 -22.61
CA THR B 177 -21.85 19.36 -22.41
C THR B 177 -23.33 19.63 -22.64
N ARG B 178 -23.86 19.11 -23.73
CA ARG B 178 -25.27 19.30 -24.04
C ARG B 178 -26.06 18.78 -22.85
N ALA B 179 -25.66 17.62 -22.36
CA ALA B 179 -26.33 16.99 -21.22
C ALA B 179 -26.29 17.91 -20.00
N ALA B 180 -25.13 18.50 -19.75
CA ALA B 180 -24.95 19.40 -18.62
C ALA B 180 -25.65 20.73 -18.84
N LEU B 181 -26.19 20.90 -20.04
CA LEU B 181 -26.87 22.12 -20.42
C LEU B 181 -28.40 22.03 -20.45
N GLN B 182 -28.94 20.84 -20.18
CA GLN B 182 -30.38 20.61 -20.19
C GLN B 182 -31.20 21.66 -19.43
N ALA B 183 -31.42 21.43 -18.13
CA ALA B 183 -32.19 22.36 -17.30
C ALA B 183 -32.23 21.95 -15.82
N GLY C 1 18.48 -76.62 4.63
CA GLY C 1 17.48 -76.10 3.65
C GLY C 1 18.18 -75.71 2.36
N SER C 2 17.42 -75.60 1.27
CA SER C 2 18.02 -75.24 -0.01
C SER C 2 18.32 -73.75 -0.06
N MET C 3 19.42 -73.41 -0.71
CA MET C 3 19.85 -72.03 -0.86
C MET C 3 18.88 -71.21 -1.71
N LEU C 4 18.36 -71.83 -2.77
CA LEU C 4 17.43 -71.16 -3.67
C LEU C 4 16.25 -70.58 -2.89
N THR C 5 15.66 -71.41 -2.04
CA THR C 5 14.53 -71.00 -1.20
C THR C 5 14.85 -69.73 -0.41
N LYS C 6 16.06 -69.69 0.13
CA LYS C 6 16.48 -68.55 0.94
C LYS C 6 16.68 -67.30 0.10
N ASP C 7 17.39 -67.45 -1.02
CA ASP C 7 17.66 -66.31 -1.91
C ASP C 7 16.37 -65.67 -2.36
N ILE C 8 15.35 -66.49 -2.61
CA ILE C 8 14.07 -65.98 -3.02
C ILE C 8 13.45 -65.17 -1.90
N GLU C 9 13.40 -65.75 -0.70
CA GLU C 9 12.83 -65.07 0.46
C GLU C 9 13.51 -63.71 0.69
N ILE C 10 14.84 -63.70 0.67
CA ILE C 10 15.61 -62.47 0.87
C ILE C 10 15.28 -61.41 -0.18
N LEU C 11 14.91 -61.86 -1.39
CA LEU C 11 14.57 -60.94 -2.48
C LEU C 11 13.18 -60.36 -2.29
N ARG C 12 12.24 -61.17 -1.82
CA ARG C 12 10.88 -60.70 -1.59
C ARG C 12 10.88 -59.71 -0.44
N ARG C 13 11.92 -59.78 0.40
CA ARG C 13 12.02 -58.88 1.55
C ARG C 13 12.64 -57.54 1.16
N GLU C 14 13.68 -57.57 0.33
CA GLU C 14 14.32 -56.34 -0.13
C GLU C 14 13.35 -55.52 -0.97
N ASN C 15 12.68 -56.18 -1.90
CA ASN C 15 11.71 -55.52 -2.76
C ASN C 15 10.58 -54.97 -1.90
N GLU C 16 10.35 -55.63 -0.77
CA GLU C 16 9.31 -55.27 0.17
C GLU C 16 9.76 -54.08 1.03
N GLU C 17 10.99 -54.15 1.53
CA GLU C 17 11.54 -53.09 2.35
C GLU C 17 11.74 -51.87 1.47
N LEU C 18 11.93 -52.11 0.19
CA LEU C 18 12.13 -51.05 -0.78
C LEU C 18 10.84 -50.25 -0.93
N THR C 19 9.71 -50.95 -0.89
CA THR C 19 8.39 -50.34 -1.01
C THR C 19 8.08 -49.49 0.22
N GLU C 20 8.78 -49.76 1.31
CA GLU C 20 8.58 -49.03 2.54
C GLU C 20 9.54 -47.86 2.55
N LYS C 21 10.53 -47.92 1.64
CA LYS C 21 11.51 -46.85 1.51
C LYS C 21 11.01 -45.94 0.39
N MET C 22 9.74 -46.08 0.08
CA MET C 22 9.10 -45.26 -0.94
C MET C 22 7.95 -44.53 -0.29
N LYS C 23 7.02 -45.28 0.29
CA LYS C 23 5.88 -44.69 0.98
C LYS C 23 6.30 -43.75 2.10
N LYS C 24 7.40 -44.09 2.76
CA LYS C 24 7.90 -43.26 3.85
C LYS C 24 9.03 -42.37 3.34
N ALA C 25 9.17 -42.34 2.02
CA ALA C 25 10.18 -41.53 1.35
C ALA C 25 9.41 -40.32 0.84
N GLU C 26 8.23 -40.59 0.30
CA GLU C 26 7.33 -39.57 -0.23
C GLU C 26 6.79 -38.79 0.96
N GLU C 27 6.35 -39.52 1.99
CA GLU C 27 5.81 -38.88 3.19
C GLU C 27 6.89 -37.93 3.72
N GLU C 28 8.13 -38.24 3.38
CA GLU C 28 9.26 -37.43 3.79
C GLU C 28 9.28 -36.17 2.91
N TYR C 29 9.50 -36.36 1.60
CA TYR C 29 9.54 -35.27 0.62
C TYR C 29 8.39 -34.27 0.80
N LYS C 30 7.44 -34.60 1.67
CA LYS C 30 6.30 -33.72 1.90
C LYS C 30 6.70 -32.51 2.73
N LEU C 31 7.33 -32.72 3.87
CA LEU C 31 7.75 -31.60 4.71
C LEU C 31 8.69 -30.66 3.95
N GLU C 32 9.53 -31.23 3.09
CA GLU C 32 10.47 -30.45 2.29
C GLU C 32 9.72 -29.37 1.50
N LYS C 33 8.82 -29.83 0.64
CA LYS C 33 8.00 -28.97 -0.21
C LYS C 33 6.93 -28.25 0.60
N GLU C 34 6.53 -28.83 1.74
CA GLU C 34 5.50 -28.23 2.58
C GLU C 34 6.02 -27.16 3.54
N GLU C 35 7.24 -27.33 4.02
CA GLU C 35 7.82 -26.36 4.94
C GLU C 35 8.35 -25.18 4.14
N GLU C 36 9.06 -25.48 3.05
CA GLU C 36 9.63 -24.44 2.20
C GLU C 36 8.57 -23.46 1.69
N ILE C 37 7.29 -23.83 1.79
CA ILE C 37 6.20 -22.94 1.36
C ILE C 37 5.37 -22.47 2.55
N SER C 38 5.31 -23.30 3.60
CA SER C 38 4.55 -22.96 4.80
C SER C 38 5.14 -21.72 5.46
N ASN C 39 6.27 -21.26 4.91
CA ASN C 39 6.94 -20.08 5.42
C ASN C 39 7.24 -19.13 4.27
N LEU C 40 7.15 -19.63 3.04
CA LEU C 40 7.41 -18.80 1.87
C LEU C 40 6.18 -17.90 1.70
N LYS C 41 5.04 -18.37 2.20
CA LYS C 41 3.80 -17.61 2.11
C LYS C 41 3.73 -16.69 3.31
N ALA C 42 3.78 -17.27 4.50
CA ALA C 42 3.72 -16.49 5.72
C ALA C 42 4.75 -15.35 5.72
N ALA C 43 5.77 -15.49 4.88
CA ALA C 43 6.79 -14.45 4.77
C ALA C 43 6.31 -13.38 3.81
N PHE C 44 5.69 -13.80 2.70
CA PHE C 44 5.18 -12.86 1.72
C PHE C 44 3.97 -12.10 2.28
N GLU C 45 3.37 -12.65 3.33
CA GLU C 45 2.22 -12.00 3.95
C GLU C 45 2.62 -10.85 4.84
N LYS C 46 3.49 -11.13 5.82
CA LYS C 46 3.97 -10.10 6.73
C LYS C 46 4.40 -8.88 5.91
N ASN C 47 5.07 -9.16 4.80
CA ASN C 47 5.57 -8.12 3.91
C ASN C 47 4.47 -7.35 3.17
N ILE C 48 3.29 -7.95 3.04
CA ILE C 48 2.18 -7.29 2.37
C ILE C 48 1.22 -6.71 3.42
N ASN C 49 1.17 -7.31 4.61
CA ASN C 49 0.31 -6.78 5.65
C ASN C 49 0.94 -5.49 6.15
N THR C 50 2.17 -5.24 5.71
CA THR C 50 2.91 -4.03 6.09
C THR C 50 2.65 -2.92 5.07
N GLU C 51 2.84 -3.22 3.79
CA GLU C 51 2.61 -2.25 2.73
C GLU C 51 1.13 -1.87 2.62
N ARG C 52 0.26 -2.84 2.88
CA ARG C 52 -1.18 -2.63 2.82
C ARG C 52 -1.64 -1.67 3.92
N THR C 53 -1.02 -1.77 5.09
CA THR C 53 -1.35 -0.91 6.22
C THR C 53 -0.91 0.53 5.95
N LEU C 54 0.28 0.68 5.38
CA LEU C 54 0.80 2.00 5.08
C LEU C 54 -0.04 2.63 3.95
N LYS C 55 -0.51 1.80 3.03
CA LYS C 55 -1.33 2.28 1.92
C LYS C 55 -2.66 2.82 2.47
N THR C 56 -3.34 1.99 3.26
CA THR C 56 -4.61 2.37 3.84
C THR C 56 -4.52 3.65 4.68
N GLN C 57 -3.53 3.74 5.57
CA GLN C 57 -3.37 4.92 6.42
C GLN C 57 -3.18 6.21 5.62
N ALA C 58 -2.34 6.16 4.60
CA ALA C 58 -2.10 7.33 3.78
C ALA C 58 -3.41 7.72 3.08
N VAL C 59 -4.07 6.72 2.49
CA VAL C 59 -5.34 6.97 1.81
C VAL C 59 -6.36 7.64 2.74
N ASN C 60 -6.57 7.07 3.94
CA ASN C 60 -7.53 7.62 4.89
C ASN C 60 -7.17 9.03 5.32
N LYS C 61 -5.88 9.31 5.46
CA LYS C 61 -5.45 10.65 5.86
C LYS C 61 -5.73 11.64 4.73
N LEU C 62 -5.57 11.18 3.49
CA LEU C 62 -5.81 12.02 2.33
C LEU C 62 -7.30 12.39 2.32
N ALA C 63 -8.13 11.40 2.62
CA ALA C 63 -9.57 11.63 2.66
C ALA C 63 -9.88 12.64 3.77
N GLU C 64 -9.27 12.43 4.94
CA GLU C 64 -9.49 13.35 6.04
C GLU C 64 -9.10 14.76 5.64
N ILE C 65 -7.93 14.90 4.99
CA ILE C 65 -7.44 16.21 4.60
C ILE C 65 -8.27 16.93 3.55
N MET C 66 -8.70 16.20 2.51
CA MET C 66 -9.51 16.78 1.45
C MET C 66 -10.93 17.10 1.90
N ASN C 67 -11.44 16.33 2.84
CA ASN C 67 -12.77 16.64 3.30
C ASN C 67 -12.69 17.95 4.10
N ARG C 68 -11.48 18.35 4.45
CA ARG C 68 -11.25 19.57 5.21
C ARG C 68 -10.73 20.71 4.34
N LYS C 69 -10.42 20.43 3.07
CA LYS C 69 -9.92 21.44 2.14
C LYS C 69 -11.02 22.36 1.59
N GLY D 1 25.94 -70.21 -21.78
CA GLY D 1 24.71 -69.89 -21.01
C GLY D 1 24.96 -68.96 -19.82
N SER D 2 24.24 -69.22 -18.73
CA SER D 2 24.37 -68.42 -17.52
C SER D 2 23.82 -69.13 -16.27
N MET D 3 24.00 -68.49 -15.10
CA MET D 3 23.56 -69.05 -13.82
C MET D 3 22.17 -68.53 -13.38
N LEU D 4 21.65 -67.55 -14.12
CA LEU D 4 20.35 -66.96 -13.80
C LEU D 4 19.20 -67.96 -13.85
N THR D 5 18.18 -67.72 -13.03
CA THR D 5 17.02 -68.61 -12.95
C THR D 5 15.67 -67.88 -13.02
N LYS D 6 14.64 -68.63 -13.40
CA LYS D 6 13.27 -68.12 -13.53
C LYS D 6 12.83 -67.13 -12.47
N ASP D 7 12.51 -67.66 -11.30
CA ASP D 7 12.02 -66.88 -10.18
C ASP D 7 12.89 -65.73 -9.67
N ILE D 8 14.21 -65.92 -9.64
CA ILE D 8 15.07 -64.85 -9.17
C ILE D 8 15.07 -63.69 -10.17
N GLU D 9 15.08 -64.03 -11.46
CA GLU D 9 15.10 -63.05 -12.54
C GLU D 9 13.86 -62.14 -12.51
N ILE D 10 12.70 -62.75 -12.30
CA ILE D 10 11.44 -62.03 -12.24
C ILE D 10 11.37 -61.09 -11.03
N LEU D 11 11.89 -61.53 -9.89
CA LEU D 11 11.87 -60.68 -8.71
C LEU D 11 12.96 -59.62 -8.80
N ARG D 12 13.93 -59.85 -9.68
CA ARG D 12 15.01 -58.89 -9.86
C ARG D 12 14.55 -57.71 -10.70
N ARG D 13 13.97 -57.99 -11.87
CA ARG D 13 13.48 -56.92 -12.74
C ARG D 13 12.42 -56.14 -11.99
N GLU D 14 11.69 -56.84 -11.13
CA GLU D 14 10.64 -56.26 -10.30
C GLU D 14 11.23 -55.29 -9.29
N ASN D 15 12.41 -55.60 -8.78
CA ASN D 15 13.10 -54.74 -7.82
C ASN D 15 13.46 -53.50 -8.63
N GLU D 16 14.07 -53.74 -9.78
CA GLU D 16 14.50 -52.69 -10.70
C GLU D 16 13.36 -51.75 -11.05
N GLU D 17 12.33 -52.29 -11.68
CA GLU D 17 11.17 -51.51 -12.09
C GLU D 17 10.63 -50.67 -10.93
N LEU D 18 10.51 -51.30 -9.77
CA LEU D 18 10.01 -50.63 -8.58
C LEU D 18 10.92 -49.45 -8.24
N THR D 19 12.21 -49.61 -8.54
CA THR D 19 13.18 -48.56 -8.26
C THR D 19 13.03 -47.42 -9.25
N GLU D 20 12.85 -47.77 -10.52
CA GLU D 20 12.67 -46.76 -11.55
C GLU D 20 11.44 -45.93 -11.24
N LYS D 21 10.38 -46.62 -10.80
CA LYS D 21 9.14 -45.94 -10.45
C LYS D 21 9.46 -44.81 -9.50
N MET D 22 10.45 -45.03 -8.65
CA MET D 22 10.83 -44.00 -7.69
C MET D 22 11.70 -42.91 -8.28
N LYS D 23 12.53 -43.28 -9.25
CA LYS D 23 13.39 -42.29 -9.90
C LYS D 23 12.49 -41.27 -10.56
N LYS D 24 11.41 -41.76 -11.18
CA LYS D 24 10.47 -40.90 -11.87
C LYS D 24 9.57 -40.09 -10.95
N ALA D 25 9.09 -40.69 -9.88
CA ALA D 25 8.21 -40.01 -8.93
C ALA D 25 8.89 -38.75 -8.40
N GLU D 26 10.21 -38.78 -8.39
CA GLU D 26 11.05 -37.70 -7.89
C GLU D 26 11.22 -36.58 -8.92
N GLU D 27 11.80 -36.92 -10.08
CA GLU D 27 12.00 -35.94 -11.15
C GLU D 27 10.71 -35.16 -11.43
N GLU D 28 9.58 -35.79 -11.13
CA GLU D 28 8.28 -35.18 -11.34
C GLU D 28 7.86 -34.33 -10.14
N TYR D 29 8.25 -34.76 -8.94
CA TYR D 29 7.90 -34.01 -7.74
C TYR D 29 8.75 -32.73 -7.71
N LYS D 30 9.91 -32.78 -8.36
CA LYS D 30 10.79 -31.62 -8.45
C LYS D 30 10.14 -30.56 -9.33
N LEU D 31 10.04 -30.86 -10.64
CA LEU D 31 9.44 -29.92 -11.60
C LEU D 31 8.07 -29.43 -11.16
N GLU D 32 7.63 -29.92 -10.00
CA GLU D 32 6.34 -29.56 -9.43
C GLU D 32 6.57 -28.48 -8.38
N LYS D 33 7.71 -28.57 -7.71
CA LYS D 33 8.12 -27.62 -6.70
C LYS D 33 8.65 -26.39 -7.45
N GLU D 34 9.43 -26.65 -8.50
CA GLU D 34 10.03 -25.61 -9.33
C GLU D 34 9.02 -24.66 -9.97
N GLU D 35 7.81 -25.14 -10.19
CA GLU D 35 6.77 -24.31 -10.78
C GLU D 35 5.94 -23.67 -9.68
N GLU D 36 5.61 -24.46 -8.66
CA GLU D 36 4.81 -23.97 -7.54
C GLU D 36 5.44 -22.71 -6.95
N ILE D 37 6.72 -22.80 -6.64
CA ILE D 37 7.43 -21.65 -6.08
C ILE D 37 7.46 -20.54 -7.12
N SER D 38 7.77 -20.90 -8.37
CA SER D 38 7.82 -19.94 -9.48
C SER D 38 6.58 -19.08 -9.56
N ASN D 39 5.47 -19.68 -9.97
CA ASN D 39 4.22 -18.97 -10.12
C ASN D 39 3.81 -18.29 -8.81
N LEU D 40 4.21 -18.87 -7.69
CA LEU D 40 3.89 -18.32 -6.37
C LEU D 40 4.62 -16.99 -6.17
N LYS D 41 5.95 -17.04 -6.19
CA LYS D 41 6.75 -15.83 -6.02
C LYS D 41 6.41 -14.82 -7.09
N ALA D 42 6.01 -15.30 -8.26
CA ALA D 42 5.63 -14.42 -9.38
C ALA D 42 4.50 -13.49 -8.96
N ALA D 43 3.41 -14.09 -8.47
CA ALA D 43 2.24 -13.35 -8.03
C ALA D 43 2.53 -12.58 -6.74
N PHE D 44 3.13 -13.25 -5.76
CA PHE D 44 3.47 -12.65 -4.47
C PHE D 44 4.50 -11.51 -4.59
N GLU D 45 4.83 -11.16 -5.83
CA GLU D 45 5.78 -10.09 -6.12
C GLU D 45 5.03 -8.99 -6.84
N LYS D 46 4.09 -9.38 -7.70
CA LYS D 46 3.26 -8.44 -8.43
C LYS D 46 2.11 -8.08 -7.51
N ASN D 47 2.03 -8.81 -6.40
CA ASN D 47 1.00 -8.61 -5.40
C ASN D 47 1.45 -7.46 -4.51
N ILE D 48 2.74 -7.43 -4.20
CA ILE D 48 3.30 -6.39 -3.35
C ILE D 48 3.57 -5.07 -4.09
N ASN D 49 4.15 -5.16 -5.29
CA ASN D 49 4.43 -3.94 -6.05
C ASN D 49 3.13 -3.19 -6.30
N THR D 50 2.03 -3.94 -6.32
CA THR D 50 0.73 -3.33 -6.52
C THR D 50 0.40 -2.45 -5.32
N GLU D 51 0.51 -3.00 -4.11
CA GLU D 51 0.23 -2.26 -2.88
C GLU D 51 1.25 -1.13 -2.67
N ARG D 52 2.49 -1.38 -3.06
CA ARG D 52 3.56 -0.40 -2.93
C ARG D 52 3.33 0.81 -3.84
N THR D 53 2.78 0.57 -5.03
CA THR D 53 2.49 1.63 -5.97
C THR D 53 1.34 2.50 -5.48
N LEU D 54 0.32 1.86 -4.94
CA LEU D 54 -0.83 2.59 -4.42
C LEU D 54 -0.41 3.38 -3.19
N LYS D 55 0.50 2.82 -2.39
CA LYS D 55 0.99 3.51 -1.20
C LYS D 55 1.75 4.79 -1.61
N THR D 56 2.71 4.63 -2.51
CA THR D 56 3.50 5.75 -2.97
C THR D 56 2.64 6.87 -3.58
N GLN D 57 1.73 6.52 -4.47
CA GLN D 57 0.87 7.52 -5.11
C GLN D 57 0.04 8.32 -4.12
N ALA D 58 -0.55 7.64 -3.14
CA ALA D 58 -1.35 8.33 -2.14
C ALA D 58 -0.44 9.27 -1.35
N VAL D 59 0.72 8.75 -0.93
CA VAL D 59 1.67 9.55 -0.18
C VAL D 59 2.06 10.82 -0.94
N ASN D 60 2.47 10.66 -2.21
CA ASN D 60 2.88 11.80 -3.03
C ASN D 60 1.77 12.83 -3.21
N LYS D 61 0.53 12.35 -3.33
CA LYS D 61 -0.61 13.24 -3.51
C LYS D 61 -0.85 14.03 -2.23
N LEU D 62 -0.64 13.37 -1.09
CA LEU D 62 -0.82 14.00 0.21
C LEU D 62 0.19 15.13 0.33
N ALA D 63 1.41 14.86 -0.13
CA ALA D 63 2.47 15.85 -0.09
C ALA D 63 2.11 17.02 -1.00
N GLU D 64 1.86 16.71 -2.27
CA GLU D 64 1.52 17.71 -3.27
C GLU D 64 0.47 18.67 -2.74
N ILE D 65 -0.61 18.12 -2.20
CA ILE D 65 -1.68 18.94 -1.66
C ILE D 65 -1.28 19.75 -0.44
N MET D 66 -0.54 19.14 0.47
CA MET D 66 -0.10 19.80 1.69
C MET D 66 1.06 20.79 1.49
N ASN D 67 2.00 20.44 0.62
CA ASN D 67 3.23 21.22 0.40
C ASN D 67 3.15 22.61 -0.22
N ARG D 68 3.74 23.58 0.47
CA ARG D 68 3.73 24.97 0.04
C ARG D 68 4.87 25.35 -0.91
N LYS D 69 5.98 24.63 -0.86
CA LYS D 69 7.10 24.94 -1.75
C LYS D 69 6.95 24.24 -3.10
N ASP D 70 5.72 23.89 -3.43
CA ASP D 70 5.42 23.21 -4.69
C ASP D 70 4.24 23.90 -5.37
#